data_8YX0
#
_entry.id   8YX0
#
_cell.length_a   43.740
_cell.length_b   59.900
_cell.length_c   140.120
_cell.angle_alpha   90.00
_cell.angle_beta   90.00
_cell.angle_gamma   90.00
#
_symmetry.space_group_name_H-M   'P 21 21 21'
#
loop_
_entity.id
_entity.type
_entity.pdbx_description
1 polymer 'Arginine kinase Pro c 2.0101'
2 non-polymer 'SODIUM ION'
3 water water
#
_entity_poly.entity_id   1
_entity_poly.type   'polypeptide(L)'
_entity_poly.pdbx_seq_one_letter_code
;AADAATIAKLEEGFKKLEAATDCKSLLKKYLSKSIFDSLKAKKTSLGATLLDVIQSGVENLDSGVGIYAPDAEAYSLFAP
LFDPIIEDYHKGFKQTDKHPNKDFGDVNQFVNVDPDGKFVISTRVRCGRSLEGYPFNPCLTEAQYKEMEEKVSSTLSGLE
GELKGTYYPLAGMTKEVQQKLIDDHFLFKEGDRFLQAANACRYWPVGRGIYHNDNKTFLVWCDEEDHLRIISMQMGGDLG
QVYRRLVSAVNDIEKRVPFSHHDRLGFLTFCPTNLGTTIRASVHIKLPKLAANREKLEEVAARYSLQVRGTRGEHTEAAG
GVYDISNKRRMGLTEFQAVKEMQDGILELIKIEKEM
;
_entity_poly.pdbx_strand_id   A
#
# COMPACT_ATOMS: atom_id res chain seq x y z
N ALA A 1 -8.41 19.95 19.05
CA ALA A 1 -7.96 20.78 20.16
C ALA A 1 -6.61 20.29 20.61
N ALA A 2 -5.61 20.51 19.77
CA ALA A 2 -4.25 20.12 20.10
C ALA A 2 -3.76 20.87 21.32
N ASP A 3 -2.96 20.20 22.13
CA ASP A 3 -2.42 20.80 23.33
C ASP A 3 -1.26 21.72 22.98
N ALA A 4 -0.85 22.53 23.95
CA ALA A 4 0.18 23.54 23.68
C ALA A 4 1.51 22.92 23.28
N ALA A 5 1.86 21.77 23.85
CA ALA A 5 3.14 21.14 23.55
C ALA A 5 3.18 20.62 22.14
N THR A 6 2.10 19.99 21.69
CA THR A 6 1.97 19.63 20.28
C THR A 6 2.15 20.85 19.37
N ILE A 7 1.42 21.92 19.67
CA ILE A 7 1.46 23.09 18.78
C ILE A 7 2.87 23.69 18.75
N ALA A 8 3.55 23.74 19.92
CA ALA A 8 4.94 24.21 19.95
C ALA A 8 5.87 23.36 19.06
N LYS A 9 5.72 22.02 19.10
CA LYS A 9 6.51 21.15 18.22
C LYS A 9 6.14 21.36 16.76
N LEU A 10 4.86 21.63 16.47
CA LEU A 10 4.45 21.93 15.10
C LEU A 10 5.07 23.23 14.61
N GLU A 11 5.10 24.27 15.46
CA GLU A 11 5.69 25.53 15.02
C GLU A 11 7.17 25.35 14.73
N GLU A 12 7.86 24.56 15.57
CA GLU A 12 9.26 24.22 15.32
C GLU A 12 9.41 23.48 14.00
N GLY A 13 8.51 22.52 13.77
CA GLY A 13 8.60 21.74 12.55
C GLY A 13 8.33 22.57 11.32
N PHE A 14 7.37 23.50 11.39
CA PHE A 14 7.15 24.36 10.23
C PHE A 14 8.39 25.21 9.93
N LYS A 15 9.03 25.75 10.99
CA LYS A 15 10.22 26.56 10.73
C LYS A 15 11.36 25.70 10.23
N LYS A 16 11.44 24.45 10.65
CA LYS A 16 12.46 23.58 10.07
C LYS A 16 12.24 23.41 8.57
N LEU A 17 10.98 23.12 8.18
CA LEU A 17 10.63 23.01 6.77
C LEU A 17 10.95 24.29 6.03
N GLU A 18 10.68 25.44 6.66
CA GLU A 18 10.89 26.72 5.98
C GLU A 18 12.38 26.98 5.78
N ALA A 19 13.19 26.61 6.76
CA ALA A 19 14.63 26.80 6.65
C ALA A 19 15.22 25.95 5.54
N ALA A 20 14.68 24.75 5.31
CA ALA A 20 15.22 23.82 4.31
C ALA A 20 14.73 24.27 2.95
N THR A 21 15.37 25.34 2.43
CA THR A 21 14.93 25.94 1.18
C THR A 21 15.07 24.97 -0.01
N ASP A 22 15.97 24.00 0.08
CA ASP A 22 16.16 23.01 -0.98
C ASP A 22 15.36 21.73 -0.77
N CYS A 23 14.49 21.68 0.23
CA CYS A 23 13.80 20.43 0.51
C CYS A 23 12.77 20.19 -0.59
N LYS A 24 12.73 18.97 -1.13
CA LYS A 24 11.85 18.67 -2.25
C LYS A 24 10.61 17.84 -1.87
N SER A 25 10.33 17.63 -0.58
CA SER A 25 9.21 16.76 -0.26
C SER A 25 7.84 17.38 -0.62
N LEU A 26 6.83 16.51 -0.84
CA LEU A 26 5.48 17.05 -1.06
C LEU A 26 4.93 17.74 0.19
N LEU A 27 5.35 17.30 1.37
CA LEU A 27 5.05 18.02 2.59
C LEU A 27 5.51 19.46 2.50
N LYS A 28 6.80 19.68 2.18
CA LYS A 28 7.29 21.04 2.09
C LYS A 28 6.55 21.81 0.99
N LYS A 29 6.23 21.14 -0.12
CA LYS A 29 5.66 21.84 -1.26
C LYS A 29 4.26 22.37 -0.95
N TYR A 30 3.48 21.63 -0.17
CA TYR A 30 2.06 21.92 -0.04
C TYR A 30 1.65 22.42 1.32
N LEU A 31 2.51 22.29 2.35
CA LEU A 31 2.13 22.82 3.65
C LEU A 31 2.43 24.32 3.65
N SER A 32 1.47 25.09 3.12
CA SER A 32 1.61 26.54 3.11
C SER A 32 1.39 27.09 4.51
N LYS A 33 1.82 28.36 4.71
CA LYS A 33 1.63 28.97 6.03
C LYS A 33 0.14 29.05 6.36
N SER A 34 -0.69 29.37 5.37
CA SER A 34 -2.12 29.48 5.64
C SER A 34 -2.76 28.13 5.93
N ILE A 35 -2.38 27.05 5.23
CA ILE A 35 -2.88 25.72 5.58
C ILE A 35 -2.41 25.33 6.96
N PHE A 36 -1.13 25.55 7.23
CA PHE A 36 -0.56 25.20 8.52
C PHE A 36 -1.32 25.88 9.65
N ASP A 37 -1.51 27.21 9.52
CA ASP A 37 -2.21 27.92 10.57
C ASP A 37 -3.64 27.42 10.74
N SER A 38 -4.26 27.03 9.63
CA SER A 38 -5.62 26.52 9.66
C SER A 38 -5.73 25.19 10.39
N LEU A 39 -4.72 24.32 10.28
CA LEU A 39 -4.83 22.95 10.77
C LEU A 39 -4.13 22.70 12.09
N LYS A 40 -3.19 23.56 12.47
CA LYS A 40 -2.27 23.17 13.55
C LYS A 40 -2.95 22.99 14.90
N ALA A 41 -4.10 23.63 15.12
CA ALA A 41 -4.70 23.42 16.42
C ALA A 41 -5.72 22.29 16.45
N LYS A 42 -5.94 21.60 15.33
CA LYS A 42 -7.01 20.61 15.27
C LYS A 42 -6.56 19.24 15.79
N LYS A 43 -7.52 18.46 16.29
CA LYS A 43 -7.28 17.13 16.81
C LYS A 43 -8.46 16.24 16.44
N THR A 44 -8.17 15.01 16.06
CA THR A 44 -9.24 14.07 15.79
C THR A 44 -9.83 13.54 17.10
N SER A 45 -10.97 12.88 16.97
CA SER A 45 -11.59 12.39 18.19
C SER A 45 -10.77 11.28 18.86
N LEU A 46 -9.83 10.68 18.15
CA LEU A 46 -8.94 9.71 18.77
C LEU A 46 -7.65 10.36 19.28
N GLY A 47 -7.54 11.70 19.15
CA GLY A 47 -6.39 12.37 19.69
C GLY A 47 -5.29 12.67 18.69
N ALA A 48 -5.47 12.33 17.40
CA ALA A 48 -4.38 12.57 16.46
C ALA A 48 -4.35 14.04 16.07
N THR A 49 -3.14 14.52 15.82
CA THR A 49 -2.95 15.93 15.52
C THR A 49 -2.20 16.07 14.22
N LEU A 50 -2.04 17.31 13.77
CA LEU A 50 -1.21 17.52 12.59
C LEU A 50 0.20 16.97 12.80
N LEU A 51 0.68 16.92 14.06
CA LEU A 51 2.04 16.38 14.30
C LEU A 51 2.11 14.89 13.95
N ASP A 52 1.04 14.14 14.18
CA ASP A 52 1.02 12.72 13.84
C ASP A 52 0.85 12.49 12.35
N VAL A 53 0.60 13.55 11.57
CA VAL A 53 0.62 13.49 10.11
C VAL A 53 2.00 13.80 9.59
N ILE A 54 2.63 14.91 10.10
CA ILE A 54 3.79 15.48 9.41
C ILE A 54 5.12 15.14 10.03
N GLN A 55 5.15 14.54 11.25
CA GLN A 55 6.43 14.44 11.97
C GLN A 55 7.51 13.70 11.16
N SER A 56 7.14 12.65 10.39
CA SER A 56 8.18 11.92 9.68
C SER A 56 8.86 12.79 8.60
N GLY A 57 8.09 13.63 7.90
CA GLY A 57 8.65 14.54 6.90
C GLY A 57 9.39 15.73 7.51
N VAL A 58 9.12 16.04 8.79
CA VAL A 58 9.89 17.07 9.49
C VAL A 58 11.22 16.48 9.92
N GLU A 59 11.21 15.24 10.40
CA GLU A 59 12.44 14.63 10.87
C GLU A 59 13.34 14.21 9.73
N ASN A 60 12.76 13.79 8.61
CA ASN A 60 13.48 13.27 7.45
C ASN A 60 13.18 14.26 6.34
N LEU A 61 13.99 15.32 6.28
CA LEU A 61 13.77 16.32 5.26
C LEU A 61 13.86 15.73 3.87
N ASP A 62 14.64 14.64 3.70
CA ASP A 62 14.79 14.06 2.36
C ASP A 62 13.67 13.11 1.99
N SER A 63 12.51 13.22 2.61
CA SER A 63 11.37 12.41 2.23
C SER A 63 10.86 12.78 0.87
N GLY A 64 10.25 11.83 0.19
CA GLY A 64 9.61 12.19 -1.06
C GLY A 64 8.24 12.79 -0.85
N VAL A 65 7.44 12.16 0.02
CA VAL A 65 6.09 12.59 0.33
C VAL A 65 6.16 13.25 1.69
N GLY A 66 6.44 12.48 2.73
CA GLY A 66 6.70 13.07 4.04
C GLY A 66 5.50 13.20 4.96
N ILE A 67 4.36 12.62 4.62
CA ILE A 67 3.20 12.57 5.50
C ILE A 67 2.67 11.15 5.52
N TYR A 68 2.06 10.85 6.66
CA TYR A 68 1.32 9.61 6.86
C TYR A 68 -0.01 9.93 7.55
N ALA A 69 -0.93 8.97 7.54
CA ALA A 69 -2.20 9.23 8.20
C ALA A 69 -2.19 8.52 9.55
N PRO A 70 -2.57 9.19 10.63
CA PRO A 70 -2.53 8.54 11.95
C PRO A 70 -3.83 7.81 12.29
N ASP A 71 -4.95 8.22 11.68
CA ASP A 71 -6.25 7.55 11.88
C ASP A 71 -7.10 7.93 10.68
N ALA A 72 -8.29 7.33 10.61
CA ALA A 72 -9.10 7.56 9.41
C ALA A 72 -9.61 8.99 9.39
N GLU A 73 -10.02 9.50 10.55
CA GLU A 73 -10.59 10.86 10.59
C GLU A 73 -9.59 11.90 10.08
N ALA A 74 -8.28 11.61 10.23
CA ALA A 74 -7.23 12.56 9.82
C ALA A 74 -7.35 12.92 8.33
N TYR A 75 -7.78 11.98 7.49
CA TYR A 75 -7.91 12.31 6.06
C TYR A 75 -8.96 13.37 5.82
N SER A 76 -9.99 13.47 6.66
CA SER A 76 -11.00 14.49 6.50
C SER A 76 -10.60 15.76 7.24
N LEU A 77 -10.16 15.61 8.50
CA LEU A 77 -9.84 16.78 9.33
C LEU A 77 -8.65 17.55 8.76
N PHE A 78 -7.66 16.84 8.21
CA PHE A 78 -6.48 17.50 7.62
C PHE A 78 -6.50 17.41 6.09
N ALA A 79 -7.69 17.31 5.52
CA ALA A 79 -7.83 17.26 4.05
C ALA A 79 -7.10 18.39 3.32
N PRO A 80 -7.02 19.61 3.86
CA PRO A 80 -6.35 20.68 3.08
C PRO A 80 -4.89 20.38 2.83
N LEU A 81 -4.27 19.53 3.69
CA LEU A 81 -2.90 19.09 3.40
C LEU A 81 -2.90 17.80 2.57
N PHE A 82 -3.72 16.82 2.95
CA PHE A 82 -3.71 15.55 2.22
C PHE A 82 -4.12 15.73 0.76
N ASP A 83 -5.13 16.52 0.51
CA ASP A 83 -5.73 16.58 -0.82
C ASP A 83 -4.75 17.08 -1.88
N PRO A 84 -4.03 18.20 -1.73
CA PRO A 84 -3.07 18.57 -2.79
C PRO A 84 -1.92 17.61 -2.93
N ILE A 85 -1.53 16.94 -1.84
CA ILE A 85 -0.42 16.00 -1.92
C ILE A 85 -0.85 14.76 -2.69
N ILE A 86 -2.08 14.29 -2.45
CA ILE A 86 -2.63 13.15 -3.20
C ILE A 86 -2.76 13.50 -4.67
N GLU A 87 -3.20 14.72 -4.98
CA GLU A 87 -3.33 15.16 -6.36
C GLU A 87 -1.95 15.24 -7.05
N ASP A 88 -0.91 15.69 -6.33
CA ASP A 88 0.40 15.77 -6.95
C ASP A 88 0.97 14.40 -7.24
N TYR A 89 0.77 13.46 -6.32
CA TYR A 89 1.34 12.13 -6.47
C TYR A 89 0.53 11.32 -7.49
N HIS A 90 -0.79 11.45 -7.50
CA HIS A 90 -1.66 10.75 -8.48
C HIS A 90 -2.24 11.77 -9.43
N LYS A 91 -1.45 12.14 -10.44
CA LYS A 91 -1.81 13.27 -11.29
C LYS A 91 -3.19 13.06 -11.90
N GLY A 92 -3.99 14.11 -11.87
CA GLY A 92 -5.32 14.04 -12.39
C GLY A 92 -6.39 13.70 -11.40
N PHE A 93 -6.02 13.17 -10.21
CA PHE A 93 -7.00 12.96 -9.12
C PHE A 93 -7.11 14.24 -8.31
N LYS A 94 -8.01 15.13 -8.74
CA LYS A 94 -8.13 16.44 -8.13
C LYS A 94 -8.82 16.38 -6.78
N GLN A 95 -8.66 17.46 -6.03
CA GLN A 95 -9.24 17.57 -4.70
C GLN A 95 -10.77 17.52 -4.72
N THR A 96 -11.40 17.82 -5.87
CA THR A 96 -12.84 17.75 -6.09
C THR A 96 -13.29 16.47 -6.77
N ASP A 97 -12.37 15.60 -7.17
CA ASP A 97 -12.71 14.32 -7.77
C ASP A 97 -13.19 13.33 -6.71
N LYS A 98 -13.83 12.27 -7.15
CA LYS A 98 -14.30 11.24 -6.24
C LYS A 98 -13.85 9.85 -6.70
N HIS A 99 -13.20 9.10 -5.83
CA HIS A 99 -12.83 7.76 -6.20
C HIS A 99 -14.07 6.88 -6.29
N PRO A 100 -14.19 6.04 -7.31
CA PRO A 100 -15.40 5.25 -7.48
C PRO A 100 -15.55 4.23 -6.37
N ASN A 101 -16.81 3.83 -6.16
CA ASN A 101 -17.09 2.75 -5.23
C ASN A 101 -16.41 1.47 -5.70
N LYS A 102 -16.16 0.57 -4.75
CA LYS A 102 -15.45 -0.66 -5.01
C LYS A 102 -16.12 -1.45 -6.12
N ASP A 103 -15.32 -2.00 -7.01
CA ASP A 103 -15.87 -2.84 -8.07
C ASP A 103 -14.73 -3.73 -8.54
N PHE A 104 -14.71 -4.96 -8.06
CA PHE A 104 -13.73 -5.90 -8.60
C PHE A 104 -14.06 -6.31 -10.02
N GLY A 105 -15.28 -6.03 -10.51
CA GLY A 105 -15.71 -6.26 -11.89
C GLY A 105 -15.96 -7.74 -12.17
N ASP A 106 -15.97 -8.06 -13.46
CA ASP A 106 -16.18 -9.43 -13.94
C ASP A 106 -14.84 -10.15 -13.84
N VAL A 107 -14.63 -10.88 -12.74
CA VAL A 107 -13.31 -11.47 -12.53
C VAL A 107 -12.96 -12.52 -13.58
N ASN A 108 -13.95 -13.05 -14.30
CA ASN A 108 -13.66 -14.01 -15.36
C ASN A 108 -13.04 -13.37 -16.56
N GLN A 109 -13.03 -12.02 -16.62
CA GLN A 109 -12.39 -11.38 -17.76
C GLN A 109 -10.88 -11.47 -17.71
N PHE A 110 -10.31 -11.80 -16.55
CA PHE A 110 -8.87 -11.82 -16.38
C PHE A 110 -8.29 -13.17 -16.78
N VAL A 111 -7.20 -13.13 -17.56
CA VAL A 111 -6.72 -14.27 -18.32
C VAL A 111 -5.31 -14.59 -17.86
N ASN A 112 -4.73 -15.66 -18.40
CA ASN A 112 -3.30 -15.89 -18.28
C ASN A 112 -2.61 -15.08 -19.37
N VAL A 113 -1.85 -14.05 -18.98
CA VAL A 113 -1.25 -13.18 -19.99
C VAL A 113 -0.06 -13.80 -20.68
N ASP A 114 0.35 -15.01 -20.28
CA ASP A 114 1.52 -15.68 -20.87
C ASP A 114 1.33 -17.18 -20.76
N PRO A 115 0.41 -17.75 -21.55
CA PRO A 115 0.07 -19.18 -21.39
C PRO A 115 1.27 -20.11 -21.37
N ASP A 116 2.13 -20.02 -22.37
CA ASP A 116 3.23 -20.96 -22.51
C ASP A 116 4.42 -20.61 -21.63
N GLY A 117 4.25 -19.68 -20.70
CA GLY A 117 5.24 -19.41 -19.67
C GLY A 117 6.58 -18.88 -20.16
N LYS A 118 6.68 -18.45 -21.41
CA LYS A 118 7.99 -18.06 -21.92
C LYS A 118 8.45 -16.69 -21.44
N PHE A 119 7.58 -15.89 -20.82
CA PHE A 119 7.90 -14.49 -20.52
C PHE A 119 7.73 -14.13 -19.06
N VAL A 120 6.60 -14.47 -18.45
CA VAL A 120 6.29 -14.02 -17.10
C VAL A 120 6.78 -15.06 -16.10
N ILE A 121 7.77 -14.67 -15.30
CA ILE A 121 8.28 -15.56 -14.26
C ILE A 121 7.22 -15.78 -13.18
N SER A 122 6.56 -14.69 -12.76
CA SER A 122 5.62 -14.79 -11.66
C SER A 122 4.70 -13.57 -11.68
N THR A 123 3.56 -13.69 -11.02
CA THR A 123 2.52 -12.67 -11.00
C THR A 123 2.05 -12.47 -9.57
N ARG A 124 1.82 -11.20 -9.19
CA ARG A 124 1.40 -10.88 -7.84
C ARG A 124 0.35 -9.80 -7.90
N VAL A 125 -0.67 -9.90 -7.04
CA VAL A 125 -1.60 -8.79 -6.86
C VAL A 125 -1.78 -8.59 -5.37
N ARG A 126 -1.57 -7.36 -4.88
CA ARG A 126 -1.79 -7.15 -3.46
C ARG A 126 -2.72 -5.99 -3.22
N CYS A 127 -3.36 -5.98 -2.05
CA CYS A 127 -4.11 -4.81 -1.68
C CYS A 127 -3.85 -4.54 -0.21
N GLY A 128 -4.38 -3.44 0.27
CA GLY A 128 -4.20 -3.05 1.66
C GLY A 128 -5.54 -2.75 2.27
N ARG A 129 -5.65 -3.00 3.58
CA ARG A 129 -6.92 -2.68 4.22
C ARG A 129 -6.65 -2.22 5.63
N SER A 130 -7.48 -1.28 6.09
CA SER A 130 -7.53 -0.90 7.51
C SER A 130 -8.84 -1.42 8.07
N LEU A 131 -8.80 -1.88 9.34
CA LEU A 131 -9.99 -2.35 9.98
C LEU A 131 -10.76 -1.17 10.58
N GLU A 132 -12.05 -1.14 10.32
CA GLU A 132 -12.92 -0.09 10.81
C GLU A 132 -12.85 -0.03 12.34
N GLY A 133 -12.71 1.18 12.88
CA GLY A 133 -12.69 1.33 14.32
C GLY A 133 -11.31 1.44 14.95
N TYR A 134 -10.26 1.15 14.22
CA TYR A 134 -8.93 1.23 14.81
C TYR A 134 -8.17 2.40 14.25
N PRO A 135 -7.32 3.06 15.04
CA PRO A 135 -6.40 4.05 14.44
C PRO A 135 -5.33 3.33 13.61
N PHE A 136 -4.54 4.12 12.90
CA PHE A 136 -3.48 3.52 12.13
C PHE A 136 -2.21 3.48 12.96
N ASN A 137 -1.14 2.96 12.37
CA ASN A 137 0.11 2.74 13.11
C ASN A 137 0.57 3.88 14.02
N PRO A 138 0.56 5.15 13.62
CA PRO A 138 1.10 6.18 14.53
C PRO A 138 0.36 6.31 15.83
N CYS A 139 -0.88 5.78 15.95
CA CYS A 139 -1.72 6.00 17.13
C CYS A 139 -2.22 4.71 17.78
N LEU A 140 -1.91 3.55 17.23
CA LEU A 140 -2.34 2.31 17.89
C LEU A 140 -1.67 2.18 19.25
N THR A 141 -2.46 1.74 20.23
CA THR A 141 -1.87 1.39 21.51
C THR A 141 -1.40 -0.06 21.48
N GLU A 142 -0.60 -0.43 22.48
CA GLU A 142 -0.15 -1.82 22.56
C GLU A 142 -1.36 -2.74 22.71
N ALA A 143 -2.34 -2.32 23.51
CA ALA A 143 -3.54 -3.15 23.70
C ALA A 143 -4.30 -3.33 22.39
N GLN A 144 -4.35 -2.29 21.60
CA GLN A 144 -5.02 -2.39 20.31
C GLN A 144 -4.28 -3.28 19.36
N TYR A 145 -2.96 -3.16 19.28
CA TYR A 145 -2.19 -4.08 18.46
C TYR A 145 -2.53 -5.52 18.85
N LYS A 146 -2.55 -5.80 20.15
CA LYS A 146 -2.79 -7.18 20.59
C LYS A 146 -4.17 -7.64 20.21
N GLU A 147 -5.17 -6.80 20.45
CA GLU A 147 -6.56 -7.18 20.21
C GLU A 147 -6.77 -7.40 18.71
N MET A 148 -6.22 -6.50 17.90
CA MET A 148 -6.39 -6.61 16.45
C MET A 148 -5.77 -7.90 15.96
N GLU A 149 -4.59 -8.21 16.47
CA GLU A 149 -3.93 -9.44 16.04
C GLU A 149 -4.75 -10.68 16.42
N GLU A 150 -5.38 -10.68 17.61
CA GLU A 150 -6.23 -11.82 17.94
C GLU A 150 -7.40 -11.94 16.94
N LYS A 151 -8.00 -10.81 16.57
N LYS A 151 -8.00 -10.82 16.56
CA LYS A 151 -9.11 -10.80 15.63
CA LYS A 151 -9.13 -10.89 15.64
C LYS A 151 -8.66 -11.29 14.27
C LYS A 151 -8.66 -11.32 14.25
N VAL A 152 -7.52 -10.78 13.81
CA VAL A 152 -7.00 -11.11 12.47
C VAL A 152 -6.52 -12.54 12.43
N SER A 153 -5.75 -12.98 13.44
CA SER A 153 -5.30 -14.37 13.43
C SER A 153 -6.48 -15.31 13.45
N SER A 154 -7.55 -14.99 14.21
CA SER A 154 -8.69 -15.91 14.23
C SER A 154 -9.36 -15.92 12.86
N THR A 155 -9.42 -14.77 12.20
CA THR A 155 -10.06 -14.67 10.89
C THR A 155 -9.29 -15.47 9.84
N LEU A 156 -7.98 -15.31 9.82
CA LEU A 156 -7.13 -15.97 8.83
C LEU A 156 -7.09 -17.48 9.08
N SER A 157 -7.00 -17.89 10.33
CA SER A 157 -7.00 -19.31 10.67
C SER A 157 -8.34 -19.97 10.38
N GLY A 158 -9.38 -19.19 10.15
CA GLY A 158 -10.65 -19.74 9.72
C GLY A 158 -10.80 -19.89 8.22
N LEU A 159 -9.83 -19.44 7.45
CA LEU A 159 -9.96 -19.51 5.99
C LEU A 159 -9.90 -20.98 5.53
N GLU A 160 -10.67 -21.28 4.50
CA GLU A 160 -10.85 -22.67 4.09
C GLU A 160 -10.31 -22.89 2.68
N GLY A 161 -10.34 -24.14 2.26
CA GLY A 161 -10.00 -24.47 0.87
C GLY A 161 -8.58 -24.11 0.53
N GLU A 162 -8.43 -23.54 -0.67
CA GLU A 162 -7.14 -23.09 -1.18
C GLU A 162 -6.45 -22.12 -0.22
N LEU A 163 -7.24 -21.40 0.60
CA LEU A 163 -6.70 -20.36 1.48
C LEU A 163 -6.23 -20.89 2.81
N LYS A 164 -6.52 -22.15 3.13
CA LYS A 164 -6.13 -22.73 4.41
C LYS A 164 -4.61 -22.72 4.58
N GLY A 165 -4.16 -22.39 5.80
CA GLY A 165 -2.75 -22.18 6.02
C GLY A 165 -2.41 -21.96 7.46
N THR A 166 -1.32 -21.24 7.72
CA THR A 166 -0.71 -21.15 9.05
C THR A 166 -0.46 -19.68 9.37
N TYR A 167 -0.84 -19.27 10.58
CA TYR A 167 -0.52 -17.95 11.12
C TYR A 167 0.70 -18.02 12.03
N TYR A 168 1.61 -17.08 11.84
CA TYR A 168 2.85 -17.02 12.63
C TYR A 168 2.91 -15.65 13.28
N PRO A 169 2.79 -15.55 14.60
CA PRO A 169 3.01 -14.25 15.27
C PRO A 169 4.48 -13.87 15.22
N LEU A 170 4.76 -12.57 15.06
CA LEU A 170 6.16 -12.20 15.18
C LEU A 170 6.62 -12.18 16.63
N ALA A 171 5.68 -11.97 17.57
CA ALA A 171 6.11 -11.97 18.96
C ALA A 171 6.54 -13.38 19.33
N GLY A 172 7.73 -13.50 19.87
CA GLY A 172 8.24 -14.81 20.25
C GLY A 172 8.74 -15.67 19.11
N MET A 173 8.85 -15.12 17.88
CA MET A 173 9.21 -15.97 16.76
C MET A 173 10.67 -16.42 16.89
N THR A 174 10.92 -17.70 16.62
CA THR A 174 12.27 -18.22 16.78
C THR A 174 13.10 -17.88 15.54
N LYS A 175 14.42 -17.99 15.72
CA LYS A 175 15.34 -17.75 14.60
C LYS A 175 15.11 -18.74 13.46
N GLU A 176 14.82 -20.01 13.77
CA GLU A 176 14.57 -20.96 12.68
C GLU A 176 13.28 -20.67 11.94
N VAL A 177 12.24 -20.23 12.63
CA VAL A 177 11.03 -19.89 11.90
C VAL A 177 11.25 -18.63 11.07
N GLN A 178 12.01 -17.66 11.62
CA GLN A 178 12.35 -16.48 10.81
C GLN A 178 13.03 -16.90 9.51
N GLN A 179 14.05 -17.76 9.61
CA GLN A 179 14.76 -18.22 8.42
C GLN A 179 13.83 -18.95 7.44
N LYS A 180 12.92 -19.79 7.96
CA LYS A 180 11.97 -20.49 7.08
C LYS A 180 11.13 -19.50 6.29
N LEU A 181 10.71 -18.41 6.92
CA LEU A 181 9.87 -17.43 6.25
C LEU A 181 10.70 -16.57 5.33
N ILE A 182 11.93 -16.23 5.73
CA ILE A 182 12.84 -15.48 4.86
C ILE A 182 13.08 -16.23 3.56
N ASP A 183 13.24 -17.55 3.64
CA ASP A 183 13.56 -18.34 2.44
C ASP A 183 12.42 -18.30 1.44
N ASP A 184 11.20 -18.03 1.90
CA ASP A 184 10.07 -17.84 1.00
C ASP A 184 9.76 -16.38 0.71
N HIS A 185 10.61 -15.46 1.15
CA HIS A 185 10.35 -14.00 1.09
C HIS A 185 9.01 -13.63 1.75
N PHE A 186 8.68 -14.28 2.87
CA PHE A 186 7.44 -14.00 3.58
C PHE A 186 7.63 -13.14 4.85
N LEU A 187 8.86 -12.91 5.29
CA LEU A 187 9.08 -12.20 6.55
C LEU A 187 9.12 -10.70 6.31
N PHE A 188 8.65 -9.95 7.31
CA PHE A 188 8.91 -8.52 7.37
C PHE A 188 9.55 -8.21 8.71
N LYS A 189 10.19 -7.04 8.75
CA LYS A 189 11.01 -6.61 9.89
C LYS A 189 10.68 -5.16 10.18
N GLU A 190 11.29 -4.61 11.23
CA GLU A 190 11.02 -3.22 11.55
C GLU A 190 11.36 -2.31 10.40
N GLY A 191 10.57 -1.25 10.26
CA GLY A 191 10.77 -0.33 9.15
C GLY A 191 11.96 0.61 9.36
N ASP A 192 12.29 1.34 8.30
CA ASP A 192 13.43 2.25 8.26
C ASP A 192 13.09 3.59 8.93
N ARG A 193 13.99 4.59 8.79
CA ARG A 193 13.86 5.83 9.55
C ARG A 193 12.61 6.61 9.18
N PHE A 194 12.15 6.48 7.95
CA PHE A 194 10.91 7.16 7.60
C PHE A 194 9.73 6.61 8.38
N LEU A 195 9.65 5.27 8.54
CA LEU A 195 8.55 4.70 9.28
C LEU A 195 8.76 4.84 10.78
N GLN A 196 10.02 4.73 11.25
CA GLN A 196 10.32 4.91 12.68
C GLN A 196 9.88 6.31 13.11
N ALA A 197 10.17 7.31 12.27
CA ALA A 197 9.83 8.66 12.66
C ALA A 197 8.33 8.97 12.55
N ALA A 198 7.57 8.19 11.75
CA ALA A 198 6.13 8.28 11.72
C ALA A 198 5.44 7.62 12.93
N ASN A 199 6.23 7.13 13.89
CA ASN A 199 5.71 6.38 15.04
C ASN A 199 5.00 5.12 14.61
N ALA A 200 5.46 4.48 13.52
CA ALA A 200 4.74 3.35 12.96
C ALA A 200 5.23 2.00 13.45
N CYS A 201 6.30 1.99 14.24
CA CYS A 201 6.95 0.75 14.66
C CYS A 201 6.89 0.58 16.18
N ARG A 202 5.97 1.26 16.84
CA ARG A 202 5.95 1.22 18.29
C ARG A 202 5.48 -0.15 18.79
N TYR A 203 6.00 -0.53 19.92
CA TYR A 203 5.66 -1.79 20.58
C TYR A 203 6.01 -3.00 19.74
N TRP A 204 6.95 -2.87 18.82
CA TRP A 204 7.32 -4.00 17.97
C TRP A 204 7.87 -5.13 18.83
N PRO A 205 7.56 -6.38 18.51
CA PRO A 205 6.73 -6.97 17.46
C PRO A 205 5.27 -7.21 17.87
N VAL A 206 4.81 -6.63 18.99
CA VAL A 206 3.47 -6.92 19.47
C VAL A 206 2.41 -6.61 18.40
N GLY A 207 1.50 -7.59 18.19
CA GLY A 207 0.42 -7.43 17.22
C GLY A 207 0.82 -7.66 15.79
N ARG A 208 2.06 -8.00 15.51
CA ARG A 208 2.52 -8.17 14.12
C ARG A 208 2.56 -9.66 13.81
N GLY A 209 2.22 -10.03 12.56
CA GLY A 209 2.16 -11.46 12.25
C GLY A 209 2.11 -11.68 10.75
N ILE A 210 2.27 -12.95 10.38
CA ILE A 210 2.40 -13.36 8.99
C ILE A 210 1.51 -14.58 8.80
N TYR A 211 0.72 -14.59 7.74
CA TYR A 211 -0.07 -15.76 7.42
C TYR A 211 0.23 -16.19 6.01
N HIS A 212 0.35 -17.48 5.73
CA HIS A 212 0.34 -17.89 4.32
C HIS A 212 -0.44 -19.19 4.17
N ASN A 213 -0.96 -19.43 2.95
CA ASN A 213 -1.68 -20.69 2.75
C ASN A 213 -0.68 -21.80 2.49
N ASP A 214 -1.18 -23.04 2.57
CA ASP A 214 -0.31 -24.18 2.35
C ASP A 214 0.36 -24.14 0.99
N ASN A 215 -0.37 -23.70 -0.06
CA ASN A 215 0.17 -23.66 -1.42
C ASN A 215 1.19 -22.55 -1.64
N LYS A 216 1.35 -21.62 -0.67
CA LYS A 216 2.25 -20.47 -0.79
C LYS A 216 1.90 -19.58 -2.00
N THR A 217 0.61 -19.42 -2.24
CA THR A 217 0.07 -18.52 -3.24
C THR A 217 -0.74 -17.42 -2.61
N PHE A 218 -0.72 -17.30 -1.30
CA PHE A 218 -1.50 -16.31 -0.59
C PHE A 218 -0.73 -15.96 0.68
N LEU A 219 -0.54 -14.66 0.91
CA LEU A 219 0.28 -14.17 2.03
C LEU A 219 -0.44 -12.96 2.63
N VAL A 220 -0.51 -12.92 3.97
CA VAL A 220 -1.05 -11.75 4.61
C VAL A 220 -0.04 -11.29 5.62
N TRP A 221 0.21 -10.00 5.64
CA TRP A 221 0.97 -9.39 6.73
C TRP A 221 0.02 -8.60 7.61
N CYS A 222 0.12 -8.81 8.91
CA CYS A 222 -0.73 -8.14 9.90
C CYS A 222 0.12 -7.09 10.61
N ASP A 223 -0.25 -5.81 10.45
CA ASP A 223 0.41 -4.67 11.13
C ASP A 223 1.86 -4.51 10.74
N GLU A 224 2.13 -4.68 9.44
CA GLU A 224 3.34 -4.15 8.86
C GLU A 224 3.04 -2.66 8.60
N GLU A 225 2.82 -2.28 7.38
CA GLU A 225 2.57 -0.86 7.19
C GLU A 225 1.09 -0.52 7.40
N ASP A 226 0.23 -1.41 7.03
CA ASP A 226 -1.21 -1.28 7.26
C ASP A 226 -1.67 -2.40 8.18
N HIS A 227 -2.92 -2.28 8.65
CA HIS A 227 -3.45 -3.37 9.45
C HIS A 227 -3.31 -4.68 8.69
N LEU A 228 -3.74 -4.69 7.42
CA LEU A 228 -3.66 -5.87 6.57
C LEU A 228 -3.03 -5.53 5.23
N ARG A 229 -2.01 -6.28 4.86
CA ARG A 229 -1.48 -6.28 3.49
C ARG A 229 -1.79 -7.68 2.96
N ILE A 230 -2.58 -7.79 1.89
CA ILE A 230 -3.16 -9.06 1.46
C ILE A 230 -2.63 -9.34 0.07
N ILE A 231 -1.90 -10.45 -0.10
CA ILE A 231 -1.15 -10.70 -1.32
C ILE A 231 -1.54 -12.05 -1.89
N SER A 232 -1.81 -12.06 -3.18
CA SER A 232 -1.98 -13.28 -3.96
C SER A 232 -0.87 -13.35 -5.00
N MET A 233 -0.28 -14.55 -5.17
CA MET A 233 0.88 -14.64 -6.05
C MET A 233 1.04 -16.08 -6.50
N GLN A 234 1.67 -16.25 -7.66
CA GLN A 234 2.05 -17.59 -8.10
C GLN A 234 3.05 -17.47 -9.24
N MET A 235 3.72 -18.59 -9.49
CA MET A 235 4.63 -18.66 -10.63
C MET A 235 3.84 -18.64 -11.92
N GLY A 236 4.45 -18.12 -12.98
CA GLY A 236 3.75 -18.01 -14.26
C GLY A 236 2.94 -16.72 -14.41
N GLY A 237 2.13 -16.67 -15.46
CA GLY A 237 1.47 -15.41 -15.79
C GLY A 237 -0.03 -15.40 -15.65
N ASP A 238 -0.60 -16.30 -14.85
CA ASP A 238 -2.05 -16.38 -14.75
C ASP A 238 -2.56 -15.33 -13.75
N LEU A 239 -2.47 -14.09 -14.21
CA LEU A 239 -3.00 -12.97 -13.46
C LEU A 239 -4.46 -13.18 -13.10
N GLY A 240 -5.21 -13.87 -13.97
CA GLY A 240 -6.61 -14.09 -13.67
C GLY A 240 -6.79 -14.97 -12.43
N GLN A 241 -6.04 -16.06 -12.36
CA GLN A 241 -6.12 -16.90 -11.17
C GLN A 241 -5.72 -16.11 -9.94
N VAL A 242 -4.63 -15.35 -10.07
CA VAL A 242 -4.10 -14.58 -8.93
C VAL A 242 -5.15 -13.60 -8.42
N TYR A 243 -5.74 -12.87 -9.36
CA TYR A 243 -6.75 -11.88 -9.01
C TYR A 243 -7.98 -12.53 -8.40
N ARG A 244 -8.51 -13.60 -9.03
CA ARG A 244 -9.71 -14.23 -8.49
C ARG A 244 -9.45 -14.74 -7.07
N ARG A 245 -8.24 -15.27 -6.84
CA ARG A 245 -7.89 -15.74 -5.48
C ARG A 245 -7.84 -14.58 -4.50
N LEU A 246 -7.25 -13.46 -4.91
CA LEU A 246 -7.24 -12.29 -4.05
C LEU A 246 -8.65 -11.84 -3.72
N VAL A 247 -9.51 -11.75 -4.74
CA VAL A 247 -10.86 -11.25 -4.51
C VAL A 247 -11.61 -12.16 -3.53
N SER A 248 -11.54 -13.48 -3.78
CA SER A 248 -12.16 -14.45 -2.87
C SER A 248 -11.68 -14.22 -1.44
N ALA A 249 -10.37 -14.05 -1.28
CA ALA A 249 -9.80 -13.94 0.06
C ALA A 249 -10.24 -12.66 0.73
N VAL A 250 -10.19 -11.54 -0.01
CA VAL A 250 -10.60 -10.29 0.58
C VAL A 250 -12.05 -10.34 1.00
N ASN A 251 -12.90 -10.90 0.15
CA ASN A 251 -14.30 -11.01 0.52
C ASN A 251 -14.47 -11.88 1.78
N ASP A 252 -13.76 -13.01 1.86
CA ASP A 252 -13.87 -13.90 3.03
C ASP A 252 -13.40 -13.19 4.30
N ILE A 253 -12.35 -12.38 4.21
CA ILE A 253 -11.86 -11.70 5.40
C ILE A 253 -12.88 -10.66 5.86
N GLU A 254 -13.48 -9.96 4.89
CA GLU A 254 -14.41 -8.90 5.20
C GLU A 254 -15.63 -9.40 5.94
N LYS A 255 -16.06 -10.64 5.69
CA LYS A 255 -17.15 -11.24 6.48
C LYS A 255 -16.89 -11.13 7.99
N ARG A 256 -15.64 -11.21 8.41
CA ARG A 256 -15.29 -11.20 9.83
C ARG A 256 -14.83 -9.84 10.32
N VAL A 257 -14.12 -9.06 9.50
CA VAL A 257 -13.61 -7.77 9.94
C VAL A 257 -13.96 -6.69 8.92
N PRO A 258 -14.78 -5.71 9.27
CA PRO A 258 -15.09 -4.62 8.34
C PRO A 258 -13.91 -3.68 8.13
N PHE A 259 -13.87 -3.10 6.92
CA PHE A 259 -12.78 -2.27 6.45
C PHE A 259 -13.16 -0.79 6.52
N SER A 260 -12.15 0.04 6.70
CA SER A 260 -12.26 1.49 6.63
C SER A 260 -12.34 1.95 5.18
N HIS A 261 -13.40 2.66 4.85
CA HIS A 261 -13.59 3.17 3.49
C HIS A 261 -14.05 4.62 3.56
N HIS A 262 -13.63 5.44 2.59
CA HIS A 262 -13.90 6.87 2.57
C HIS A 262 -14.61 7.18 1.26
N ASP A 263 -15.68 8.00 1.31
CA ASP A 263 -16.44 8.18 0.07
C ASP A 263 -15.65 8.89 -1.00
N ARG A 264 -14.72 9.76 -0.65
CA ARG A 264 -13.92 10.40 -1.70
C ARG A 264 -12.66 9.62 -2.04
N LEU A 265 -12.03 9.00 -1.05
CA LEU A 265 -10.68 8.46 -1.20
C LEU A 265 -10.61 6.95 -1.34
N GLY A 266 -11.72 6.24 -1.18
CA GLY A 266 -11.66 4.80 -1.33
C GLY A 266 -11.20 4.14 -0.04
N PHE A 267 -10.48 3.04 -0.19
CA PHE A 267 -10.04 2.31 1.02
C PHE A 267 -8.90 3.08 1.70
N LEU A 268 -9.04 3.29 3.02
CA LEU A 268 -8.09 4.12 3.72
C LEU A 268 -6.95 3.26 4.27
N THR A 269 -5.75 3.79 4.14
CA THR A 269 -4.55 3.13 4.64
C THR A 269 -3.67 4.20 5.28
N PHE A 270 -2.62 3.71 5.92
CA PHE A 270 -1.62 4.56 6.57
C PHE A 270 -0.86 5.45 5.59
N CYS A 271 -0.63 4.97 4.36
CA CYS A 271 0.13 5.67 3.35
CA CYS A 271 0.15 5.65 3.33
C CYS A 271 -0.80 6.43 2.41
N PRO A 272 -0.72 7.75 2.32
CA PRO A 272 -1.67 8.48 1.47
C PRO A 272 -1.47 8.25 0.02
N THR A 273 -0.35 7.69 -0.38
CA THR A 273 -0.25 7.42 -1.82
C THR A 273 -0.75 6.01 -2.18
N ASN A 274 -1.27 5.27 -1.21
CA ASN A 274 -1.90 3.98 -1.47
C ASN A 274 -3.34 3.91 -0.98
N LEU A 275 -4.17 4.84 -1.38
CA LEU A 275 -5.59 4.85 -1.14
C LEU A 275 -6.31 4.29 -2.37
N GLY A 276 -7.58 4.63 -2.52
CA GLY A 276 -8.31 4.23 -3.72
C GLY A 276 -8.51 2.73 -3.74
N THR A 277 -8.02 2.07 -4.80
CA THR A 277 -8.12 0.63 -4.90
C THR A 277 -7.19 -0.04 -3.92
N THR A 278 -6.09 0.65 -3.54
CA THR A 278 -4.94 0.09 -2.79
C THR A 278 -4.25 -1.05 -3.58
N ILE A 279 -4.62 -1.27 -4.84
CA ILE A 279 -4.17 -2.47 -5.55
C ILE A 279 -2.86 -2.22 -6.29
N ARG A 280 -1.90 -3.13 -6.08
CA ARG A 280 -0.69 -3.18 -6.87
C ARG A 280 -0.62 -4.55 -7.51
N ALA A 281 -0.80 -4.59 -8.82
CA ALA A 281 -0.55 -5.81 -9.57
C ALA A 281 0.84 -5.69 -10.16
N SER A 282 1.56 -6.80 -10.21
CA SER A 282 2.91 -6.75 -10.76
C SER A 282 3.27 -8.09 -11.40
N VAL A 283 4.17 -8.05 -12.36
CA VAL A 283 4.77 -9.27 -12.89
C VAL A 283 6.29 -9.14 -12.85
N HIS A 284 6.98 -10.27 -12.62
CA HIS A 284 8.39 -10.37 -12.97
C HIS A 284 8.46 -10.94 -14.38
N ILE A 285 9.01 -10.18 -15.32
CA ILE A 285 8.85 -10.54 -16.74
C ILE A 285 10.15 -10.31 -17.49
N LYS A 286 10.50 -11.26 -18.36
CA LYS A 286 11.74 -11.22 -19.13
C LYS A 286 11.40 -10.71 -20.53
N LEU A 287 11.90 -9.51 -20.83
CA LEU A 287 11.69 -8.84 -22.12
C LEU A 287 13.07 -8.47 -22.66
N PRO A 288 13.82 -9.47 -23.14
CA PRO A 288 15.19 -9.18 -23.62
C PRO A 288 15.23 -8.24 -24.82
N LYS A 289 14.42 -8.51 -25.85
CA LYS A 289 14.49 -7.70 -27.06
C LYS A 289 13.96 -6.29 -26.83
N LEU A 290 12.86 -6.15 -26.05
CA LEU A 290 12.41 -4.81 -25.70
C LEU A 290 13.40 -4.09 -24.81
N ALA A 291 14.22 -4.84 -24.06
CA ALA A 291 15.28 -4.20 -23.29
C ALA A 291 16.33 -3.59 -24.20
N ALA A 292 16.41 -4.04 -25.45
CA ALA A 292 17.36 -3.52 -26.42
C ALA A 292 16.88 -2.21 -27.03
N ASN A 293 15.68 -1.75 -26.67
CA ASN A 293 15.16 -0.46 -27.09
C ASN A 293 14.16 -0.04 -26.01
N ARG A 294 14.72 0.51 -24.92
CA ARG A 294 13.90 0.80 -23.76
C ARG A 294 12.97 2.00 -24.00
N GLU A 295 13.30 2.86 -24.97
CA GLU A 295 12.43 4.01 -25.24
C GLU A 295 11.05 3.56 -25.70
N LYS A 296 11.00 2.52 -26.55
CA LYS A 296 9.72 1.89 -26.87
C LYS A 296 9.04 1.36 -25.61
N LEU A 297 9.79 0.61 -24.80
CA LEU A 297 9.17 -0.02 -23.64
C LEU A 297 8.61 1.03 -22.67
N GLU A 298 9.36 2.11 -22.42
CA GLU A 298 8.85 3.17 -21.56
C GLU A 298 7.67 3.91 -22.21
N GLU A 299 7.63 3.94 -23.54
CA GLU A 299 6.50 4.55 -24.23
C GLU A 299 5.23 3.74 -24.00
N VAL A 300 5.32 2.43 -24.22
CA VAL A 300 4.15 1.57 -24.03
C VAL A 300 3.75 1.55 -22.56
N ALA A 301 4.74 1.44 -21.66
CA ALA A 301 4.45 1.40 -20.24
C ALA A 301 3.73 2.65 -19.78
N ALA A 302 4.14 3.81 -20.31
CA ALA A 302 3.53 5.06 -19.89
C ALA A 302 2.05 5.14 -20.25
N ARG A 303 1.64 4.60 -21.43
CA ARG A 303 0.23 4.78 -21.72
C ARG A 303 -0.63 3.73 -21.02
N TYR A 304 -0.02 2.82 -20.23
CA TYR A 304 -0.77 2.02 -19.28
C TYR A 304 -0.44 2.43 -17.85
N SER A 305 0.31 3.52 -17.68
CA SER A 305 0.73 3.99 -16.36
C SER A 305 1.37 2.87 -15.56
N LEU A 306 2.24 2.12 -16.21
CA LEU A 306 2.95 1.03 -15.57
C LEU A 306 4.33 1.51 -15.14
N GLN A 307 4.74 1.10 -13.94
CA GLN A 307 6.09 1.32 -13.48
C GLN A 307 6.96 0.16 -13.94
N VAL A 308 8.02 0.46 -14.68
CA VAL A 308 9.00 -0.55 -15.10
C VAL A 308 10.26 -0.37 -14.25
N ARG A 309 10.61 -1.43 -13.49
CA ARG A 309 11.78 -1.47 -12.61
C ARG A 309 12.63 -2.68 -12.94
N GLY A 310 13.95 -2.50 -12.93
CA GLY A 310 14.85 -3.64 -13.02
C GLY A 310 15.01 -4.32 -11.66
N THR A 311 15.08 -5.66 -11.69
CA THR A 311 15.25 -6.46 -10.47
C THR A 311 16.25 -7.60 -10.69
N ALA A 319 21.19 -10.58 -14.73
CA ALA A 319 19.99 -11.37 -14.99
C ALA A 319 19.42 -11.14 -16.39
N GLY A 320 19.66 -9.96 -16.96
CA GLY A 320 19.38 -9.71 -18.36
C GLY A 320 18.31 -8.67 -18.65
N GLY A 321 17.19 -9.12 -19.21
CA GLY A 321 16.09 -8.23 -19.52
C GLY A 321 14.88 -8.46 -18.62
N VAL A 322 15.14 -8.72 -17.34
CA VAL A 322 14.09 -9.09 -16.39
C VAL A 322 13.58 -7.86 -15.66
N TYR A 323 12.27 -7.70 -15.64
CA TYR A 323 11.64 -6.48 -15.14
C TYR A 323 10.57 -6.84 -14.13
N ASP A 324 10.44 -5.97 -13.12
CA ASP A 324 9.25 -5.88 -12.28
C ASP A 324 8.40 -4.75 -12.84
N ILE A 325 7.23 -5.09 -13.37
CA ILE A 325 6.33 -4.13 -13.99
C ILE A 325 5.02 -4.13 -13.20
N SER A 326 4.62 -2.97 -12.70
CA SER A 326 3.48 -2.85 -11.82
C SER A 326 2.67 -1.63 -12.20
N ASN A 327 1.43 -1.57 -11.74
CA ASN A 327 0.58 -0.43 -12.05
C ASN A 327 0.79 0.69 -11.04
N LYS A 328 0.87 1.89 -11.57
CA LYS A 328 1.04 3.07 -10.74
C LYS A 328 -0.26 3.61 -10.20
N ARG A 329 -1.35 3.46 -10.93
CA ARG A 329 -2.59 4.12 -10.53
C ARG A 329 -3.22 3.41 -9.33
N ARG A 330 -3.89 4.21 -8.52
CA ARG A 330 -4.68 3.78 -7.37
C ARG A 330 -5.98 4.53 -7.29
N MET A 331 -5.99 5.80 -7.70
CA MET A 331 -7.11 6.71 -7.49
C MET A 331 -7.87 6.95 -8.78
N GLY A 332 -9.20 6.99 -8.65
CA GLY A 332 -10.02 7.46 -9.78
C GLY A 332 -10.30 6.37 -10.79
N LEU A 333 -10.09 5.12 -10.41
CA LEU A 333 -10.38 3.97 -11.26
C LEU A 333 -10.78 2.84 -10.32
N THR A 334 -11.55 1.90 -10.87
CA THR A 334 -11.93 0.75 -10.05
C THR A 334 -10.84 -0.30 -9.98
N GLU A 335 -11.02 -1.25 -9.03
CA GLU A 335 -10.14 -2.41 -9.00
C GLU A 335 -10.10 -3.11 -10.33
N PHE A 336 -11.27 -3.33 -10.95
CA PHE A 336 -11.31 -3.94 -12.26
C PHE A 336 -10.48 -3.16 -13.28
N GLN A 337 -10.69 -1.85 -13.33
CA GLN A 337 -9.96 -1.03 -14.30
C GLN A 337 -8.46 -1.08 -14.06
N ALA A 338 -8.03 -0.99 -12.78
CA ALA A 338 -6.61 -1.03 -12.48
C ALA A 338 -5.96 -2.32 -12.94
N VAL A 339 -6.57 -3.47 -12.60
CA VAL A 339 -5.98 -4.73 -12.99
C VAL A 339 -6.08 -4.95 -14.50
N LYS A 340 -7.16 -4.49 -15.14
CA LYS A 340 -7.31 -4.64 -16.56
C LYS A 340 -6.28 -3.80 -17.30
N GLU A 341 -5.97 -2.61 -16.77
CA GLU A 341 -4.95 -1.77 -17.42
C GLU A 341 -3.60 -2.48 -17.33
N MET A 342 -3.32 -3.09 -16.18
N MET A 342 -3.33 -3.11 -16.20
CA MET A 342 -2.14 -3.92 -16.06
CA MET A 342 -2.13 -3.90 -16.07
C MET A 342 -2.16 -5.08 -17.05
C MET A 342 -2.13 -5.11 -17.02
N GLN A 343 -3.25 -5.85 -17.07
CA GLN A 343 -3.33 -7.00 -17.97
C GLN A 343 -3.12 -6.59 -19.43
N ASP A 344 -3.81 -5.53 -19.84
CA ASP A 344 -3.68 -5.05 -21.21
C ASP A 344 -2.26 -4.62 -21.53
N GLY A 345 -1.61 -3.97 -20.56
CA GLY A 345 -0.24 -3.52 -20.73
C GLY A 345 0.72 -4.67 -20.90
N ILE A 346 0.61 -5.68 -20.03
CA ILE A 346 1.50 -6.81 -20.21
C ILE A 346 1.18 -7.56 -21.50
N LEU A 347 -0.10 -7.69 -21.85
CA LEU A 347 -0.41 -8.39 -23.10
C LEU A 347 0.17 -7.66 -24.29
N GLU A 348 0.19 -6.33 -24.28
CA GLU A 348 0.75 -5.66 -25.44
C GLU A 348 2.27 -5.74 -25.46
N LEU A 349 2.90 -5.56 -24.29
CA LEU A 349 4.36 -5.70 -24.20
C LEU A 349 4.81 -7.06 -24.73
N ILE A 350 4.08 -8.12 -24.40
CA ILE A 350 4.42 -9.46 -24.87
C ILE A 350 4.19 -9.57 -26.37
N LYS A 351 3.06 -9.03 -26.85
CA LYS A 351 2.81 -9.06 -28.29
C LYS A 351 3.89 -8.32 -29.04
N ILE A 352 4.37 -7.21 -28.47
CA ILE A 352 5.47 -6.47 -29.08
C ILE A 352 6.73 -7.32 -29.08
N GLU A 353 7.12 -7.83 -27.91
CA GLU A 353 8.34 -8.62 -27.80
C GLU A 353 8.39 -9.75 -28.80
N LYS A 354 7.28 -10.48 -28.97
CA LYS A 354 7.31 -11.64 -29.84
C LYS A 354 7.45 -11.23 -31.30
N GLU A 355 7.00 -10.03 -31.66
CA GLU A 355 7.06 -9.59 -33.04
C GLU A 355 8.35 -8.83 -33.38
N MET A 356 9.25 -8.66 -32.42
CA MET A 356 10.52 -8.01 -32.72
C MET A 356 11.58 -9.00 -33.21
#